data_2XWP
#
_entry.id   2XWP
#
_cell.length_a   110.630
_cell.length_b   110.630
_cell.length_c   89.530
_cell.angle_alpha   90.00
_cell.angle_beta   90.00
_cell.angle_gamma   120.00
#
_symmetry.space_group_name_H-M   'P 63 2 2'
#
loop_
_entity.id
_entity.type
_entity.pdbx_description
1 polymer 'SIROHYDROCHLORIN COBALTOCHELATASE'
2 non-polymer 'COBALT SIROHYDROCHLORIN'
3 non-polymer GLYCEROL
4 water water
#
_entity_poly.entity_id   1
_entity_poly.type   'polypeptide(L)'
_entity_poly.pdbx_seq_one_letter_code
;MKKALLVVSFGTSYHDTCEKNIVACERDLAASCPDRDLFRAFTSGMIIRKLRQRDGIDIDTPLQALQKLAAQGYQDVAIQ
SLHIINGDEYEKIVREVQLLRPLFTRLTLGVPLLSSHNDYVQLMQALRQQMPSLRQTEKVVFMGHGASHHAFAAYACLDH
MMTAQRFPARVGAVESYPEVDILIDSLRDEGVTGVHLMPLMLVAGDHAINDMASDDGDSWKMRFNAAGIPATPWLSGLGE
NPAIRAMFVAHLHQALNMAVEEAA
;
_entity_poly.pdbx_strand_id   A
#
# COMPACT_ATOMS: atom_id res chain seq x y z
N LYS A 2 23.03 -2.75 19.75
CA LYS A 2 22.92 -3.63 18.52
C LYS A 2 21.49 -3.60 17.93
N LYS A 3 21.42 -3.09 16.68
CA LYS A 3 20.16 -2.48 16.15
C LYS A 3 19.69 -2.96 14.80
N ALA A 4 18.39 -3.31 14.69
CA ALA A 4 17.81 -3.77 13.44
C ALA A 4 16.66 -2.90 12.99
N LEU A 5 16.46 -2.91 11.68
CA LEU A 5 15.27 -2.32 11.01
C LEU A 5 14.61 -3.48 10.26
N LEU A 6 13.35 -3.79 10.59
CA LEU A 6 12.62 -4.83 9.87
C LEU A 6 11.46 -4.17 9.09
N VAL A 7 11.43 -4.38 7.77
CA VAL A 7 10.45 -3.73 6.95
C VAL A 7 9.52 -4.80 6.48
N VAL A 8 8.23 -4.67 6.82
CA VAL A 8 7.26 -5.75 6.54
C VAL A 8 6.26 -5.24 5.46
N SER A 9 6.19 -5.98 4.35
CA SER A 9 5.32 -5.63 3.22
C SER A 9 4.20 -6.64 3.24
N PHE A 10 3.08 -6.36 2.55
CA PHE A 10 2.16 -7.45 2.17
C PHE A 10 2.94 -8.52 1.30
N GLY A 11 3.65 -8.00 0.28
CA GLY A 11 4.51 -8.85 -0.55
C GLY A 11 4.06 -8.92 -2.00
N THR A 12 4.87 -9.51 -2.85
CA THR A 12 4.48 -9.75 -4.25
C THR A 12 5.38 -10.89 -4.77
N SER A 13 4.81 -11.70 -5.66
CA SER A 13 5.61 -12.69 -6.40
C SER A 13 6.20 -12.16 -7.70
N TYR A 14 5.80 -10.95 -8.08
CA TYR A 14 6.28 -10.33 -9.34
C TYR A 14 7.56 -9.54 -9.05
N HIS A 15 8.69 -9.98 -9.61
CA HIS A 15 10.01 -9.41 -9.28
CA HIS A 15 10.04 -9.41 -9.32
C HIS A 15 10.17 -7.93 -9.63
N ASP A 16 9.76 -7.53 -10.84
CA ASP A 16 9.97 -6.14 -11.28
C ASP A 16 9.20 -5.12 -10.42
N THR A 17 7.93 -5.42 -10.10
CA THR A 17 7.19 -4.54 -9.18
C THR A 17 7.74 -4.54 -7.71
N CYS A 18 8.29 -5.67 -7.27
CA CYS A 18 8.88 -5.78 -5.95
C CYS A 18 10.05 -4.82 -5.91
N GLU A 19 10.85 -4.79 -6.97
CA GLU A 19 12.09 -3.96 -6.99
C GLU A 19 11.73 -2.48 -7.03
N LYS A 20 10.79 -2.15 -7.92
CA LYS A 20 10.39 -0.73 -8.09
C LYS A 20 9.63 -0.19 -6.86
N ASN A 21 9.07 -1.07 -6.00
CA ASN A 21 8.24 -0.57 -4.92
C ASN A 21 8.71 -0.95 -3.49
N ILE A 22 8.74 -2.24 -3.19
CA ILE A 22 9.16 -2.73 -1.84
C ILE A 22 10.66 -2.41 -1.61
N VAL A 23 11.51 -2.77 -2.59
CA VAL A 23 12.94 -2.37 -2.47
C VAL A 23 13.15 -0.85 -2.37
N ALA A 24 12.47 -0.08 -3.20
CA ALA A 24 12.65 1.36 -3.06
C ALA A 24 12.25 1.83 -1.68
N CYS A 25 11.14 1.29 -1.11
CA CYS A 25 10.82 1.72 0.28
C CYS A 25 11.87 1.24 1.32
N GLU A 26 12.29 -0.03 1.27
CA GLU A 26 13.34 -0.59 2.18
C GLU A 26 14.62 0.29 2.08
N ARG A 27 15.05 0.58 0.85
CA ARG A 27 16.19 1.53 0.62
C ARG A 27 16.10 2.87 1.38
N ASP A 28 14.99 3.58 1.20
CA ASP A 28 14.72 4.82 1.96
C ASP A 28 14.62 4.71 3.45
N LEU A 29 14.01 3.63 3.93
CA LEU A 29 13.90 3.46 5.35
C LEU A 29 15.35 3.17 5.87
N ALA A 30 16.08 2.28 5.21
CA ALA A 30 17.45 1.96 5.69
C ALA A 30 18.36 3.24 5.76
N ALA A 31 18.23 4.12 4.74
CA ALA A 31 18.98 5.42 4.71
C ALA A 31 18.60 6.33 5.86
N SER A 32 17.35 6.27 6.34
CA SER A 32 16.97 7.16 7.43
C SER A 32 17.47 6.61 8.79
N CYS A 33 17.91 5.33 8.82
CA CYS A 33 18.38 4.62 10.06
C CYS A 33 19.70 3.95 9.74
N PRO A 34 20.72 4.74 9.34
CA PRO A 34 21.94 4.09 8.83
C PRO A 34 22.67 3.31 9.94
N ASP A 35 22.29 3.48 11.20
CA ASP A 35 22.84 2.65 12.28
C ASP A 35 22.14 1.25 12.44
N ARG A 36 21.15 0.93 11.59
CA ARG A 36 20.39 -0.30 11.67
C ARG A 36 20.76 -1.26 10.59
N ASP A 37 20.85 -2.55 10.91
CA ASP A 37 20.90 -3.57 9.86
C ASP A 37 19.47 -3.85 9.31
N LEU A 38 19.39 -3.95 8.00
CA LEU A 38 18.10 -4.09 7.32
C LEU A 38 17.61 -5.53 7.11
N PHE A 39 16.34 -5.80 7.43
CA PHE A 39 15.70 -7.12 7.29
C PHE A 39 14.33 -6.95 6.64
N ARG A 40 13.86 -8.00 5.97
CA ARG A 40 12.58 -8.00 5.31
C ARG A 40 11.65 -9.10 5.86
N ALA A 41 10.35 -8.81 5.93
CA ALA A 41 9.38 -9.90 6.04
C ALA A 41 8.11 -9.56 5.28
N PHE A 42 7.33 -10.58 4.85
CA PHE A 42 6.04 -10.36 4.15
C PHE A 42 4.90 -10.89 5.01
N THR A 43 3.74 -10.24 4.97
CA THR A 43 2.57 -10.82 5.68
C THR A 43 1.84 -11.92 4.91
N SER A 44 1.93 -11.89 3.58
CA SER A 44 1.17 -12.82 2.79
C SER A 44 1.91 -14.18 2.76
N GLY A 45 1.43 -15.13 3.54
CA GLY A 45 1.98 -16.51 3.51
C GLY A 45 1.88 -17.17 2.17
N MET A 46 0.79 -16.92 1.44
CA MET A 46 0.59 -17.50 0.10
CA MET A 46 0.68 -17.60 0.14
C MET A 46 1.67 -17.03 -0.85
N ILE A 47 1.99 -15.74 -0.79
CA ILE A 47 3.04 -15.19 -1.62
CA ILE A 47 3.04 -15.18 -1.62
C ILE A 47 4.42 -15.77 -1.25
N ILE A 48 4.72 -15.80 0.06
CA ILE A 48 5.93 -16.49 0.57
C ILE A 48 6.06 -17.93 0.05
N ARG A 49 4.99 -18.67 0.09
CA ARG A 49 4.96 -20.09 -0.38
C ARG A 49 5.26 -20.20 -1.87
N LYS A 50 4.60 -19.35 -2.66
CA LYS A 50 4.86 -19.28 -4.12
C LYS A 50 6.32 -18.96 -4.45
N LEU A 51 6.87 -17.98 -3.75
CA LEU A 51 8.29 -17.67 -3.92
C LEU A 51 9.25 -18.84 -3.59
N ARG A 52 9.01 -19.53 -2.47
CA ARG A 52 9.79 -20.72 -2.15
CA ARG A 52 9.76 -20.77 -2.13
C ARG A 52 9.66 -21.78 -3.26
N GLN A 53 8.44 -22.25 -3.52
CA GLN A 53 8.15 -23.39 -4.43
C GLN A 53 8.48 -23.14 -5.92
N ARG A 54 8.19 -21.93 -6.42
CA ARG A 54 8.46 -21.61 -7.83
C ARG A 54 9.88 -21.09 -8.07
N ASP A 55 10.41 -20.30 -7.13
CA ASP A 55 11.61 -19.54 -7.36
C ASP A 55 12.82 -19.92 -6.51
N GLY A 56 12.60 -20.75 -5.49
CA GLY A 56 13.62 -21.01 -4.50
C GLY A 56 14.06 -19.75 -3.76
N ILE A 57 13.15 -18.79 -3.57
CA ILE A 57 13.45 -17.57 -2.80
C ILE A 57 12.74 -17.68 -1.44
N ASP A 58 13.49 -17.48 -0.36
CA ASP A 58 12.98 -17.63 1.00
CA ASP A 58 12.92 -17.61 0.98
C ASP A 58 12.78 -16.24 1.65
N ILE A 59 11.51 -15.83 1.84
CA ILE A 59 11.18 -14.58 2.58
C ILE A 59 10.58 -15.00 3.91
N ASP A 60 11.03 -14.37 4.99
CA ASP A 60 10.55 -14.61 6.34
C ASP A 60 9.11 -14.10 6.55
N THR A 61 8.36 -14.80 7.40
CA THR A 61 7.17 -14.15 8.00
C THR A 61 7.69 -13.21 9.09
N PRO A 62 6.83 -12.32 9.61
CA PRO A 62 7.30 -11.47 10.68
C PRO A 62 7.76 -12.28 11.90
N LEU A 63 7.04 -13.36 12.24
CA LEU A 63 7.50 -14.23 13.37
C LEU A 63 8.89 -14.82 13.14
N GLN A 64 9.12 -15.34 11.95
CA GLN A 64 10.44 -15.90 11.67
C GLN A 64 11.53 -14.83 11.72
N ALA A 65 11.29 -13.68 11.10
CA ALA A 65 12.25 -12.56 11.16
C ALA A 65 12.58 -12.17 12.60
N LEU A 66 11.56 -12.11 13.47
CA LEU A 66 11.78 -11.73 14.86
C LEU A 66 12.56 -12.82 15.60
N GLN A 67 12.18 -14.08 15.44
CA GLN A 67 12.98 -15.19 16.04
C GLN A 67 14.47 -15.08 15.63
N LYS A 68 14.71 -14.85 14.33
CA LYS A 68 16.09 -14.75 13.85
CA LYS A 68 16.10 -14.76 13.84
C LYS A 68 16.79 -13.53 14.45
N LEU A 69 16.07 -12.41 14.56
CA LEU A 69 16.68 -11.19 15.13
C LEU A 69 17.10 -11.44 16.58
N ALA A 70 16.19 -12.06 17.35
CA ALA A 70 16.50 -12.44 18.76
C ALA A 70 17.68 -13.40 18.87
N ALA A 71 17.74 -14.36 17.94
CA ALA A 71 18.83 -15.32 17.90
C ALA A 71 20.19 -14.62 17.65
N GLN A 72 20.24 -13.72 16.66
CA GLN A 72 21.42 -12.97 16.30
C GLN A 72 21.83 -11.85 17.30
N GLY A 73 21.00 -11.64 18.32
CA GLY A 73 21.40 -10.77 19.42
C GLY A 73 20.97 -9.29 19.24
N TYR A 74 20.03 -9.02 18.32
CA TYR A 74 19.55 -7.66 18.21
C TYR A 74 18.65 -7.33 19.43
N GLN A 75 19.05 -6.36 20.21
CA GLN A 75 18.26 -5.95 21.36
C GLN A 75 17.22 -4.87 21.06
N ASP A 76 17.43 -4.18 19.93
CA ASP A 76 16.71 -2.95 19.57
C ASP A 76 16.24 -3.12 18.12
N VAL A 77 14.92 -3.30 17.95
CA VAL A 77 14.38 -3.56 16.61
C VAL A 77 13.29 -2.53 16.36
N ALA A 78 13.42 -1.86 15.22
CA ALA A 78 12.41 -0.93 14.72
C ALA A 78 11.76 -1.62 13.56
N ILE A 79 10.42 -1.64 13.54
CA ILE A 79 9.72 -2.31 12.45
C ILE A 79 8.85 -1.24 11.77
N GLN A 80 8.78 -1.28 10.44
CA GLN A 80 7.90 -0.35 9.69
C GLN A 80 7.08 -1.20 8.78
N SER A 81 5.77 -1.04 8.89
CA SER A 81 4.80 -1.60 7.96
C SER A 81 4.70 -0.75 6.69
N LEU A 82 4.75 -1.42 5.53
CA LEU A 82 4.48 -0.80 4.22
C LEU A 82 3.02 -1.06 3.83
N HIS A 83 2.08 -1.19 4.82
CA HIS A 83 0.72 -1.52 4.41
C HIS A 83 0.07 -0.18 4.20
N ILE A 84 -1.05 -0.22 3.49
CA ILE A 84 -1.81 1.00 3.25
C ILE A 84 -2.79 1.29 4.39
N ILE A 85 -3.42 0.24 4.93
CA ILE A 85 -4.45 0.41 5.97
C ILE A 85 -4.17 -0.45 7.20
N ASN A 86 -4.87 -0.12 8.26
CA ASN A 86 -4.82 -0.89 9.49
C ASN A 86 -5.77 -2.10 9.52
N GLY A 87 -5.66 -3.02 8.55
CA GLY A 87 -6.60 -4.14 8.50
C GLY A 87 -5.96 -5.42 8.97
N ASP A 88 -6.36 -6.55 8.37
CA ASP A 88 -5.93 -7.86 8.88
C ASP A 88 -4.44 -8.04 8.72
N GLU A 89 -3.93 -7.53 7.60
CA GLU A 89 -2.50 -7.68 7.33
C GLU A 89 -1.58 -6.95 8.33
N TYR A 90 -1.87 -5.69 8.60
CA TYR A 90 -1.14 -4.95 9.61
C TYR A 90 -1.30 -5.57 11.00
N GLU A 91 -2.53 -5.97 11.32
CA GLU A 91 -2.77 -6.60 12.59
C GLU A 91 -1.99 -7.92 12.74
N LYS A 92 -1.72 -8.64 11.67
CA LYS A 92 -0.88 -9.80 11.78
C LYS A 92 0.50 -9.38 12.36
N ILE A 93 1.04 -8.24 11.88
CA ILE A 93 2.23 -7.70 12.44
C ILE A 93 2.01 -7.39 13.92
N VAL A 94 0.98 -6.62 14.25
CA VAL A 94 0.74 -6.20 15.65
C VAL A 94 0.74 -7.44 16.62
N ARG A 95 0.04 -8.50 16.22
CA ARG A 95 -0.12 -9.70 17.03
C ARG A 95 1.19 -10.44 17.17
N GLU A 96 1.94 -10.63 16.06
CA GLU A 96 3.23 -11.32 16.16
C GLU A 96 4.27 -10.52 16.98
N VAL A 97 4.20 -9.19 16.87
CA VAL A 97 5.04 -8.32 17.64
C VAL A 97 4.71 -8.44 19.11
N GLN A 98 3.39 -8.41 19.44
CA GLN A 98 2.95 -8.59 20.79
C GLN A 98 3.43 -9.91 21.41
N LEU A 99 3.40 -11.01 20.62
CA LEU A 99 3.81 -12.30 21.12
C LEU A 99 5.29 -12.33 21.49
N LEU A 100 6.15 -11.80 20.60
CA LEU A 100 7.59 -11.88 20.73
C LEU A 100 8.27 -10.68 21.34
N ARG A 101 7.49 -9.64 21.64
CA ARG A 101 8.00 -8.40 22.28
C ARG A 101 8.92 -8.68 23.48
N PRO A 102 8.57 -9.64 24.33
CA PRO A 102 9.45 -9.90 25.49
C PRO A 102 10.85 -10.40 25.11
N LEU A 103 11.08 -10.76 23.85
CA LEU A 103 12.41 -11.21 23.45
C LEU A 103 13.37 -10.08 23.21
N PHE A 104 12.90 -8.83 23.32
CA PHE A 104 13.74 -7.68 22.95
C PHE A 104 13.79 -6.66 24.07
N THR A 105 14.87 -5.95 24.21
CA THR A 105 14.94 -4.83 25.17
C THR A 105 14.10 -3.69 24.68
N ARG A 106 14.26 -3.36 23.39
CA ARG A 106 13.46 -2.29 22.76
C ARG A 106 12.87 -2.73 21.43
N LEU A 107 11.59 -2.51 21.31
CA LEU A 107 10.93 -2.70 20.07
C LEU A 107 10.08 -1.42 19.76
N THR A 108 9.99 -1.02 18.48
CA THR A 108 8.87 -0.16 18.07
C THR A 108 8.25 -0.64 16.78
N LEU A 109 7.03 -0.16 16.51
CA LEU A 109 6.33 -0.55 15.31
C LEU A 109 5.64 0.68 14.75
N GLY A 110 6.03 1.01 13.53
CA GLY A 110 5.53 2.15 12.79
C GLY A 110 4.28 1.73 11.99
N VAL A 111 3.32 2.63 11.89
CA VAL A 111 1.96 2.29 11.40
C VAL A 111 1.76 2.40 9.82
N PRO A 112 0.68 1.77 9.26
CA PRO A 112 0.38 1.84 7.84
C PRO A 112 0.19 3.27 7.33
N LEU A 113 0.16 3.43 6.02
CA LEU A 113 0.02 4.78 5.43
C LEU A 113 -1.17 5.53 5.94
N LEU A 114 -2.34 4.90 5.93
CA LEU A 114 -3.55 5.61 6.36
C LEU A 114 -3.95 5.30 7.81
N SER A 115 -3.37 6.04 8.77
CA SER A 115 -3.60 5.83 10.17
C SER A 115 -4.28 7.04 10.76
N SER A 116 -3.60 8.16 10.92
CA SER A 116 -4.18 9.30 11.57
C SER A 116 -4.87 10.26 10.63
N HIS A 117 -5.62 11.23 11.18
CA HIS A 117 -6.22 12.25 10.34
C HIS A 117 -5.16 12.95 9.44
N ASN A 118 -4.01 13.34 10.00
CA ASN A 118 -2.91 13.97 9.18
C ASN A 118 -2.32 13.12 8.06
N ASP A 119 -2.31 11.81 8.26
CA ASP A 119 -1.89 10.87 7.18
C ASP A 119 -2.72 11.05 5.90
N TYR A 120 -4.03 11.27 6.04
CA TYR A 120 -4.92 11.36 4.91
C TYR A 120 -4.61 12.65 4.15
N VAL A 121 -4.41 13.75 4.90
CA VAL A 121 -4.07 15.04 4.34
C VAL A 121 -2.72 14.88 3.63
N GLN A 122 -1.73 14.28 4.30
CA GLN A 122 -0.39 14.13 3.69
C GLN A 122 -0.41 13.19 2.47
N LEU A 123 -1.28 12.18 2.50
CA LEU A 123 -1.37 11.26 1.39
C LEU A 123 -1.97 12.00 0.19
N MET A 124 -2.97 12.84 0.42
CA MET A 124 -3.52 13.57 -0.73
C MET A 124 -2.41 14.42 -1.41
N GLN A 125 -1.61 15.12 -0.58
CA GLN A 125 -0.45 15.88 -1.04
C GLN A 125 0.56 15.01 -1.78
N ALA A 126 0.88 13.83 -1.22
CA ALA A 126 1.78 12.93 -1.91
C ALA A 126 1.22 12.41 -3.23
N LEU A 127 -0.10 12.07 -3.27
CA LEU A 127 -0.65 11.55 -4.52
C LEU A 127 -0.59 12.63 -5.66
N ARG A 128 -0.76 13.88 -5.28
CA ARG A 128 -0.69 14.98 -6.20
C ARG A 128 0.62 14.92 -7.04
N GLN A 129 1.72 14.38 -6.50
CA GLN A 129 2.98 14.27 -7.24
C GLN A 129 3.10 13.10 -8.21
N GLN A 130 2.09 12.24 -8.29
CA GLN A 130 2.14 11.27 -9.36
C GLN A 130 0.98 11.53 -10.34
N MET A 131 0.26 12.62 -10.15
CA MET A 131 -0.92 12.90 -11.01
C MET A 131 -0.53 13.86 -12.14
N PRO A 132 -1.20 13.79 -13.31
CA PRO A 132 -0.94 14.79 -14.38
C PRO A 132 -1.65 16.07 -14.11
N SER A 133 -1.44 17.12 -14.93
CA SER A 133 -2.32 18.32 -14.85
C SER A 133 -3.60 17.99 -15.63
N LEU A 134 -4.76 18.05 -15.00
CA LEU A 134 -5.99 17.49 -15.60
C LEU A 134 -6.85 18.61 -16.14
N ARG A 135 -7.70 18.37 -17.13
CA ARG A 135 -8.73 19.40 -17.43
CA ARG A 135 -8.79 19.30 -17.50
C ARG A 135 -9.85 19.28 -16.43
N GLN A 136 -10.73 20.27 -16.41
CA GLN A 136 -11.72 20.32 -15.32
CA GLN A 136 -11.77 20.38 -15.40
C GLN A 136 -12.70 19.17 -15.40
N THR A 137 -12.86 18.55 -16.57
CA THR A 137 -13.77 17.40 -16.60
C THR A 137 -13.02 16.05 -16.54
N GLU A 138 -11.74 16.07 -16.14
CA GLU A 138 -11.02 14.82 -15.97
C GLU A 138 -10.55 14.64 -14.56
N LYS A 139 -10.52 13.38 -14.08
CA LYS A 139 -10.08 13.01 -12.71
C LYS A 139 -9.18 11.80 -12.69
N VAL A 140 -8.39 11.71 -11.62
CA VAL A 140 -7.66 10.48 -11.37
C VAL A 140 -8.56 9.59 -10.47
N VAL A 141 -8.62 8.29 -10.79
CA VAL A 141 -9.30 7.34 -9.93
C VAL A 141 -8.32 6.32 -9.31
N PHE A 142 -8.32 6.28 -7.98
CA PHE A 142 -7.41 5.37 -7.27
C PHE A 142 -8.10 4.06 -6.89
N MET A 143 -7.44 2.93 -7.12
CA MET A 143 -8.02 1.66 -6.88
C MET A 143 -7.31 0.93 -5.72
N GLY A 144 -7.97 0.84 -4.56
CA GLY A 144 -7.38 0.16 -3.43
C GLY A 144 -7.80 -1.32 -3.44
N HIS A 145 -7.18 -2.12 -2.58
CA HIS A 145 -7.55 -3.51 -2.44
CA HIS A 145 -7.59 -3.52 -2.50
C HIS A 145 -8.95 -3.70 -1.89
N GLY A 146 -9.14 -3.09 -0.74
CA GLY A 146 -10.33 -3.19 0.13
C GLY A 146 -10.07 -4.17 1.27
N ALA A 147 -11.10 -4.45 2.07
CA ALA A 147 -10.93 -5.30 3.23
C ALA A 147 -12.28 -5.79 3.71
N SER A 148 -12.39 -7.01 4.29
CA SER A 148 -13.57 -7.28 5.16
CA SER A 148 -13.53 -7.36 5.18
C SER A 148 -13.43 -6.71 6.56
N HIS A 149 -12.21 -6.60 7.05
CA HIS A 149 -11.91 -5.97 8.38
C HIS A 149 -12.48 -4.56 8.39
N HIS A 150 -12.75 -4.05 9.58
CA HIS A 150 -13.40 -2.77 9.73
C HIS A 150 -12.61 -1.57 9.18
N ALA A 151 -11.29 -1.73 9.07
CA ALA A 151 -10.48 -0.69 8.50
C ALA A 151 -10.83 -0.46 6.99
N PHE A 152 -11.74 -1.25 6.41
CA PHE A 152 -12.15 -0.95 5.00
C PHE A 152 -12.73 0.46 4.90
N ALA A 153 -13.19 0.96 6.04
CA ALA A 153 -13.77 2.33 6.10
C ALA A 153 -12.76 3.41 5.61
N ALA A 154 -11.45 3.10 5.63
CA ALA A 154 -10.42 4.07 5.25
C ALA A 154 -10.55 4.55 3.85
N TYR A 155 -10.91 3.65 2.95
CA TYR A 155 -10.97 4.03 1.54
C TYR A 155 -12.09 5.07 1.30
N ALA A 156 -13.30 4.79 1.84
CA ALA A 156 -14.36 5.82 1.73
C ALA A 156 -14.03 7.10 2.43
N CYS A 157 -13.38 7.05 3.57
CA CYS A 157 -13.04 8.29 4.28
C CYS A 157 -12.10 9.21 3.42
N LEU A 158 -11.13 8.58 2.74
CA LEU A 158 -10.23 9.29 1.89
C LEU A 158 -10.95 9.85 0.66
N ASP A 159 -11.84 9.03 0.06
CA ASP A 159 -12.66 9.53 -1.02
C ASP A 159 -13.51 10.72 -0.57
N HIS A 160 -14.03 10.61 0.65
CA HIS A 160 -14.88 11.69 1.20
C HIS A 160 -14.06 13.00 1.34
N MET A 161 -12.84 12.89 1.87
CA MET A 161 -11.95 14.06 1.98
CA MET A 161 -12.01 14.07 1.99
C MET A 161 -11.63 14.65 0.62
N MET A 162 -11.47 13.79 -0.39
CA MET A 162 -11.11 14.33 -1.70
C MET A 162 -12.26 15.22 -2.21
N THR A 163 -13.45 14.68 -2.16
CA THR A 163 -14.66 15.30 -2.63
C THR A 163 -14.87 16.60 -1.84
N ALA A 164 -14.73 16.57 -0.52
CA ALA A 164 -14.96 17.78 0.27
C ALA A 164 -14.06 18.94 -0.12
N GLN A 165 -12.79 18.65 -0.44
CA GLN A 165 -11.85 19.70 -0.76
CA GLN A 165 -11.87 19.72 -0.76
C GLN A 165 -11.68 19.97 -2.25
N ARG A 166 -12.53 19.34 -3.06
CA ARG A 166 -12.48 19.43 -4.48
C ARG A 166 -11.05 19.04 -5.03
N PHE A 167 -10.40 18.06 -4.38
CA PHE A 167 -9.23 17.42 -4.94
C PHE A 167 -9.66 16.68 -6.20
N PRO A 168 -8.82 16.72 -7.27
CA PRO A 168 -9.29 16.14 -8.55
C PRO A 168 -9.01 14.64 -8.73
N ALA A 169 -9.42 13.90 -7.71
CA ALA A 169 -9.32 12.48 -7.70
C ALA A 169 -10.44 11.86 -6.84
N ARG A 170 -10.58 10.53 -7.03
CA ARG A 170 -11.55 9.71 -6.26
C ARG A 170 -10.84 8.45 -5.80
N VAL A 171 -11.36 7.81 -4.76
CA VAL A 171 -10.76 6.59 -4.29
C VAL A 171 -11.86 5.52 -4.09
N GLY A 172 -11.59 4.32 -4.53
CA GLY A 172 -12.44 3.18 -4.14
C GLY A 172 -11.70 1.89 -3.90
N ALA A 173 -12.45 0.77 -3.78
CA ALA A 173 -11.78 -0.51 -3.54
C ALA A 173 -12.31 -1.69 -4.40
N VAL A 174 -11.47 -2.65 -4.74
CA VAL A 174 -11.94 -3.83 -5.46
C VAL A 174 -12.96 -4.64 -4.65
N GLU A 175 -12.59 -4.93 -3.40
CA GLU A 175 -13.28 -5.98 -2.62
C GLU A 175 -14.23 -5.36 -1.59
N SER A 176 -14.31 -4.02 -1.54
CA SER A 176 -15.15 -3.38 -0.54
C SER A 176 -15.56 -1.96 -0.93
N TYR A 177 -16.42 -1.38 -0.10
CA TYR A 177 -17.04 -0.08 -0.38
C TYR A 177 -16.01 1.08 -0.29
N PRO A 178 -16.12 2.12 -1.15
CA PRO A 178 -16.95 2.20 -2.37
C PRO A 178 -16.37 1.35 -3.53
N GLU A 179 -17.18 0.46 -4.08
CA GLU A 179 -16.81 -0.24 -5.27
C GLU A 179 -16.85 0.68 -6.49
N VAL A 180 -16.24 0.24 -7.59
CA VAL A 180 -16.15 1.13 -8.76
C VAL A 180 -17.52 1.73 -9.26
N ASP A 181 -18.58 0.93 -9.26
CA ASP A 181 -19.91 1.49 -9.72
C ASP A 181 -20.39 2.70 -8.90
N ILE A 182 -20.10 2.70 -7.60
CA ILE A 182 -20.42 3.92 -6.80
C ILE A 182 -19.72 5.16 -7.37
N LEU A 183 -18.42 5.02 -7.69
CA LEU A 183 -17.64 6.16 -8.19
C LEU A 183 -18.11 6.51 -9.61
N ILE A 184 -18.40 5.49 -10.39
CA ILE A 184 -18.83 5.77 -11.73
C ILE A 184 -20.16 6.56 -11.70
N ASP A 185 -21.10 6.09 -10.91
CA ASP A 185 -22.40 6.83 -10.82
C ASP A 185 -22.16 8.23 -10.39
N SER A 186 -21.28 8.40 -9.38
CA SER A 186 -21.02 9.75 -8.84
C SER A 186 -20.29 10.69 -9.84
N LEU A 187 -19.34 10.15 -10.60
CA LEU A 187 -18.59 10.94 -11.59
C LEU A 187 -19.43 11.28 -12.85
N ARG A 188 -20.24 10.30 -13.27
CA ARG A 188 -21.16 10.50 -14.37
C ARG A 188 -22.10 11.70 -14.08
N ASP A 189 -22.63 11.77 -12.85
CA ASP A 189 -23.43 12.90 -12.37
C ASP A 189 -22.72 14.25 -12.31
N GLU A 190 -21.38 14.25 -12.23
CA GLU A 190 -20.59 15.51 -12.36
C GLU A 190 -20.26 15.85 -13.82
N GLY A 191 -20.51 14.95 -14.77
CA GLY A 191 -20.11 15.24 -16.15
C GLY A 191 -18.60 15.13 -16.33
N VAL A 192 -17.98 14.25 -15.54
CA VAL A 192 -16.58 13.83 -15.79
C VAL A 192 -16.54 13.01 -17.08
N THR A 193 -15.54 13.34 -17.88
CA THR A 193 -15.45 12.98 -19.27
C THR A 193 -14.36 11.91 -19.59
N GLY A 194 -13.39 11.76 -18.69
CA GLY A 194 -12.33 10.77 -18.81
C GLY A 194 -11.67 10.60 -17.43
N VAL A 195 -11.05 9.47 -17.19
CA VAL A 195 -10.31 9.24 -15.95
C VAL A 195 -8.94 8.58 -16.20
N HIS A 196 -8.00 8.80 -15.29
CA HIS A 196 -6.77 8.01 -15.24
C HIS A 196 -6.85 7.12 -14.02
N LEU A 197 -6.67 5.82 -14.22
CA LEU A 197 -6.73 4.82 -13.14
C LEU A 197 -5.32 4.61 -12.59
N MET A 198 -5.18 4.68 -11.27
CA MET A 198 -3.89 4.38 -10.64
C MET A 198 -4.14 3.46 -9.47
N PRO A 199 -3.20 2.53 -9.20
CA PRO A 199 -3.47 1.69 -7.99
C PRO A 199 -3.24 2.45 -6.68
N LEU A 200 -4.10 2.21 -5.67
CA LEU A 200 -3.79 2.73 -4.31
C LEU A 200 -3.30 1.50 -3.51
N MET A 201 -2.21 0.90 -3.98
CA MET A 201 -1.57 -0.34 -3.45
C MET A 201 -0.09 -0.08 -3.53
N LEU A 202 0.69 -0.72 -2.68
CA LEU A 202 2.12 -0.49 -2.61
C LEU A 202 2.75 -0.99 -3.94
N VAL A 203 2.35 -2.19 -4.37
CA VAL A 203 2.92 -2.71 -5.61
C VAL A 203 1.81 -2.85 -6.66
N ALA A 204 2.20 -2.91 -7.92
CA ALA A 204 1.26 -3.19 -9.02
C ALA A 204 1.65 -4.50 -9.74
N GLY A 205 1.23 -5.61 -9.15
CA GLY A 205 1.44 -6.96 -9.71
C GLY A 205 0.38 -7.33 -10.75
N ASP A 206 0.57 -8.44 -11.45
CA ASP A 206 -0.25 -8.69 -12.64
C ASP A 206 -1.74 -8.76 -12.27
N HIS A 207 -2.05 -9.28 -11.08
CA HIS A 207 -3.46 -9.42 -10.67
C HIS A 207 -4.17 -8.09 -10.36
N ALA A 208 -3.48 -7.19 -9.67
CA ALA A 208 -3.89 -5.77 -9.51
C ALA A 208 -4.13 -5.14 -10.87
N ILE A 209 -3.15 -5.34 -11.76
CA ILE A 209 -3.23 -4.88 -13.14
C ILE A 209 -4.45 -5.50 -13.84
N ASN A 210 -4.75 -6.78 -13.60
CA ASN A 210 -5.93 -7.36 -14.19
CA ASN A 210 -5.98 -7.47 -14.08
C ASN A 210 -7.21 -6.73 -13.60
N ASP A 211 -7.32 -6.56 -12.30
CA ASP A 211 -8.49 -5.87 -11.72
C ASP A 211 -8.70 -4.44 -12.27
N MET A 212 -7.61 -3.74 -12.50
CA MET A 212 -7.72 -2.36 -12.91
C MET A 212 -7.91 -2.21 -14.42
N ALA A 213 -7.28 -3.08 -15.20
CA ALA A 213 -6.86 -2.64 -16.56
C ALA A 213 -7.13 -3.62 -17.62
N SER A 214 -7.52 -4.84 -17.26
CA SER A 214 -7.59 -5.89 -18.26
C SER A 214 -8.81 -5.68 -19.12
N ASP A 215 -8.96 -6.60 -20.07
CA ASP A 215 -10.14 -6.55 -20.92
CA ASP A 215 -10.09 -6.68 -20.97
C ASP A 215 -11.31 -7.34 -20.32
N ASP A 216 -11.18 -7.79 -19.08
CA ASP A 216 -12.33 -8.42 -18.43
C ASP A 216 -13.41 -7.38 -18.12
N GLY A 217 -14.67 -7.74 -18.36
CA GLY A 217 -15.77 -6.78 -18.22
C GLY A 217 -15.86 -6.21 -16.80
N ASP A 218 -15.41 -6.94 -15.79
CA ASP A 218 -15.40 -6.35 -14.50
C ASP A 218 -14.13 -5.57 -14.09
N SER A 219 -13.21 -5.38 -15.04
CA SER A 219 -12.06 -4.54 -14.73
C SER A 219 -12.56 -3.10 -14.54
N TRP A 220 -11.83 -2.30 -13.74
CA TRP A 220 -12.26 -0.91 -13.55
C TRP A 220 -12.25 -0.10 -14.85
N LYS A 221 -11.29 -0.41 -15.71
CA LYS A 221 -11.22 0.27 -16.99
C LYS A 221 -12.46 -0.03 -17.87
N MET A 222 -12.84 -1.30 -17.97
CA MET A 222 -14.01 -1.63 -18.79
C MET A 222 -15.30 -1.06 -18.23
N ARG A 223 -15.39 -1.05 -16.92
CA ARG A 223 -16.54 -0.46 -16.28
C ARG A 223 -16.69 1.04 -16.56
N PHE A 224 -15.59 1.79 -16.39
CA PHE A 224 -15.64 3.20 -16.75
C PHE A 224 -15.93 3.34 -18.24
N ASN A 225 -15.26 2.52 -19.08
CA ASN A 225 -15.46 2.68 -20.52
C ASN A 225 -16.93 2.43 -20.92
N ALA A 226 -17.55 1.45 -20.25
CA ALA A 226 -18.95 1.06 -20.56
C ALA A 226 -19.93 2.15 -20.17
N ALA A 227 -19.53 2.98 -19.22
CA ALA A 227 -20.30 4.15 -18.81
C ALA A 227 -20.02 5.36 -19.70
N GLY A 228 -19.19 5.20 -20.71
CA GLY A 228 -18.89 6.28 -21.63
C GLY A 228 -17.90 7.29 -21.06
N ILE A 229 -17.06 6.82 -20.11
CA ILE A 229 -15.99 7.65 -19.54
C ILE A 229 -14.62 6.92 -19.77
N PRO A 230 -13.96 7.23 -20.88
CA PRO A 230 -12.73 6.49 -21.26
C PRO A 230 -11.68 6.55 -20.15
N ALA A 231 -11.02 5.43 -19.94
CA ALA A 231 -10.10 5.24 -18.78
C ALA A 231 -8.68 4.90 -19.22
N THR A 232 -7.67 5.61 -18.70
CA THR A 232 -6.31 5.31 -19.12
C THR A 232 -5.59 4.74 -17.89
N PRO A 233 -5.14 3.46 -17.92
CA PRO A 233 -4.50 2.85 -16.76
C PRO A 233 -3.04 3.29 -16.67
N TRP A 234 -2.58 3.55 -15.44
CA TRP A 234 -1.16 3.91 -15.16
C TRP A 234 -0.71 2.83 -14.20
N LEU A 235 0.26 2.00 -14.56
CA LEU A 235 0.51 0.76 -13.84
C LEU A 235 1.66 0.91 -12.81
N SER A 236 1.73 2.02 -12.07
CA SER A 236 2.72 2.07 -10.98
C SER A 236 2.15 1.86 -9.58
N GLY A 237 2.93 1.22 -8.73
CA GLY A 237 2.53 1.09 -7.35
C GLY A 237 2.86 2.39 -6.67
N LEU A 238 2.25 2.59 -5.50
CA LEU A 238 2.57 3.72 -4.66
C LEU A 238 4.05 3.79 -4.20
N GLY A 239 4.69 2.64 -4.04
CA GLY A 239 6.10 2.60 -3.61
C GLY A 239 7.02 3.41 -4.53
N GLU A 240 6.54 3.69 -5.77
CA GLU A 240 7.36 4.31 -6.82
C GLU A 240 7.31 5.82 -6.73
N ASN A 241 6.47 6.31 -5.79
CA ASN A 241 6.27 7.72 -5.56
C ASN A 241 7.13 8.16 -4.35
N PRO A 242 8.17 9.02 -4.55
CA PRO A 242 9.06 9.34 -3.43
C PRO A 242 8.29 9.99 -2.26
N ALA A 243 7.20 10.70 -2.53
CA ALA A 243 6.47 11.36 -1.41
C ALA A 243 5.71 10.31 -0.57
N ILE A 244 5.31 9.20 -1.20
CA ILE A 244 4.80 8.08 -0.39
C ILE A 244 5.87 7.43 0.46
N ARG A 245 7.00 7.08 -0.15
CA ARG A 245 8.17 6.62 0.63
C ARG A 245 8.51 7.54 1.83
N ALA A 246 8.36 8.87 1.70
CA ALA A 246 8.72 9.79 2.75
C ALA A 246 7.72 9.70 3.89
N MET A 247 6.45 9.45 3.59
CA MET A 247 5.48 9.17 4.66
CA MET A 247 5.44 9.12 4.62
C MET A 247 5.83 7.88 5.40
N PHE A 248 6.22 6.82 4.71
CA PHE A 248 6.64 5.60 5.45
C PHE A 248 7.87 5.91 6.37
N VAL A 249 8.75 6.80 5.91
CA VAL A 249 9.96 7.21 6.64
C VAL A 249 9.57 8.02 7.87
N ALA A 250 8.56 8.90 7.71
CA ALA A 250 8.09 9.69 8.85
C ALA A 250 7.37 8.76 9.86
N HIS A 251 6.60 7.78 9.42
CA HIS A 251 6.02 6.86 10.36
C HIS A 251 7.08 6.08 11.22
N LEU A 252 8.17 5.66 10.58
CA LEU A 252 9.24 4.92 11.28
C LEU A 252 9.83 5.86 12.32
N HIS A 253 10.10 7.09 11.89
CA HIS A 253 10.66 8.08 12.78
C HIS A 253 9.74 8.54 13.91
N GLN A 254 8.43 8.56 13.66
CA GLN A 254 7.48 8.75 14.74
C GLN A 254 7.42 7.53 15.69
N ALA A 255 7.53 6.32 15.17
CA ALA A 255 7.60 5.16 16.04
C ALA A 255 8.88 5.32 16.88
N LEU A 256 9.99 5.78 16.29
CA LEU A 256 11.25 5.93 17.06
C LEU A 256 11.26 6.99 18.18
N ASN A 257 10.48 8.07 18.04
CA ASN A 257 10.52 9.24 18.96
C ASN A 257 9.22 9.46 19.75
N MET A 258 9.30 9.84 21.04
CA MET A 258 8.06 10.19 21.81
C MET A 258 8.24 11.09 23.07
#